data_4HKM
#
_entry.id   4HKM
#
_cell.length_a   75.25
_cell.length_b   161.13
_cell.length_c   56.3
_cell.angle_alpha   90.000
_cell.angle_beta   90.000
_cell.angle_gamma   90.000
#
_symmetry.space_group_name_H-M   'P 21 21 2'
#
loop_
_entity.id
_entity.type
_entity.pdbx_description
1 polymer 'Anthranilate phosphoribosyltransferase'
2 non-polymer 'PHOSPHATE ION'
3 non-polymer GLYCEROL
4 non-polymer '3-CYCLOHEXYL-1-PROPYLSULFONIC ACID'
5 water water
#
_entity_poly.entity_id   1
_entity_poly.type   'polypeptide(L)'
_entity_poly.pdbx_seq_one_letter_code
;S(MSE)PITPQQALQRTIEHREIFHDE(MSE)VDL(MSE)RQI(MSE)RGEVSDA(MSE)VSAILTGLRVKKETIGEIAG
AATV(MSE)REFSRRVEVTDRRH(MSE)VDIVGTGGDGSHTFNISTCA(MSE)FVAAAGGAKVAKHGNRSVSSKSGSADA
LEALGAVIELQPEQVAASLAQTGIGF(MSE)YAPVHHPA(MSE)KVVAPVRRE(MSE)GVRTIFNILGPLTNPAGSPNIL
(MSE)GVFHPDLVGIQARVLQELGAERALVVWGRDG(MSE)DELSLGAGTLVGELRDGQVHEYEVHPEDFGIA(MSE)SA
SRNLKVADAAESRA(MSE)LLQVLDNVPGPALDIVALNAGAALYVAGVADSIADGIVRARQVLADGSARACLDAYVAFTQ
QATAQG
;
_entity_poly.pdbx_strand_id   A,B
#
# COMPACT_ATOMS: atom_id res chain seq x y z
N PRO A 3 -10.31 1.57 -15.50
CA PRO A 3 -10.84 1.52 -14.14
C PRO A 3 -12.20 0.81 -14.06
N ILE A 4 -12.38 0.03 -12.99
CA ILE A 4 -13.63 -0.62 -12.66
C ILE A 4 -13.82 -0.52 -11.14
N THR A 5 -15.05 -0.36 -10.68
CA THR A 5 -15.32 -0.39 -9.24
C THR A 5 -15.67 -1.79 -8.77
N PRO A 6 -15.43 -2.08 -7.48
CA PRO A 6 -15.80 -3.41 -6.98
C PRO A 6 -17.28 -3.72 -7.24
N GLN A 7 -18.20 -2.79 -7.03
CA GLN A 7 -19.61 -3.07 -7.36
C GLN A 7 -19.84 -3.39 -8.85
N GLN A 8 -19.14 -2.70 -9.73
CA GLN A 8 -19.23 -2.99 -11.16
C GLN A 8 -18.72 -4.41 -11.48
N ALA A 9 -17.62 -4.81 -10.84
CA ALA A 9 -17.09 -6.15 -11.00
C ALA A 9 -18.07 -7.17 -10.46
N LEU A 10 -18.65 -6.93 -9.30
CA LEU A 10 -19.66 -7.86 -8.79
C LEU A 10 -20.83 -7.99 -9.77
N GLN A 11 -21.31 -6.86 -10.28
CA GLN A 11 -22.42 -6.89 -11.24
C GLN A 11 -22.07 -7.67 -12.51
N ARG A 12 -20.83 -7.52 -12.98
CA ARG A 12 -20.37 -8.24 -14.16
C ARG A 12 -20.47 -9.76 -13.98
N THR A 13 -20.04 -10.27 -12.82
CA THR A 13 -20.12 -11.72 -12.57
C THR A 13 -21.56 -12.18 -12.41
N ILE A 14 -22.41 -11.30 -11.88
CA ILE A 14 -23.86 -11.57 -11.80
C ILE A 14 -24.49 -11.73 -13.20
N GLU A 15 -23.96 -11.01 -14.18
CA GLU A 15 -24.41 -11.16 -15.56
C GLU A 15 -23.69 -12.31 -16.28
N HIS A 16 -23.03 -13.17 -15.50
CA HIS A 16 -22.23 -14.29 -16.02
C HIS A 16 -21.15 -13.90 -17.01
N ARG A 17 -20.66 -12.68 -16.92
CA ARG A 17 -19.73 -12.17 -17.92
C ARG A 17 -18.32 -12.15 -17.39
N GLU A 18 -17.36 -12.18 -18.29
CA GLU A 18 -15.99 -12.13 -17.81
C GLU A 18 -15.56 -10.69 -17.53
N ILE A 19 -14.66 -10.57 -16.56
CA ILE A 19 -14.02 -9.30 -16.24
C ILE A 19 -12.77 -9.33 -17.08
N PHE A 20 -12.52 -8.27 -17.82
CA PHE A 20 -11.40 -8.29 -18.75
C PHE A 20 -10.07 -8.17 -18.03
N HIS A 21 -9.00 -8.60 -18.71
CA HIS A 21 -7.66 -8.61 -18.15
C HIS A 21 -7.30 -7.27 -17.53
N ASP A 22 -7.53 -6.17 -18.26
CA ASP A 22 -7.19 -4.84 -17.74
C ASP A 22 -8.04 -4.40 -16.54
N GLU A 23 -9.32 -4.76 -16.55
CA GLU A 23 -10.19 -4.48 -15.42
C GLU A 23 -9.77 -5.29 -14.20
N VAL A 25 -6.81 -6.35 -13.45
CA VAL A 25 -5.60 -5.74 -12.90
C VAL A 25 -5.97 -4.57 -11.97
N ASP A 26 -6.87 -3.70 -12.45
CA ASP A 26 -7.32 -2.53 -11.68
C ASP A 26 -8.03 -2.94 -10.39
N LEU A 27 -8.89 -3.95 -10.51
CA LEU A 27 -9.66 -4.47 -9.39
C LEU A 27 -8.76 -5.12 -8.34
N ARG A 29 -5.71 -4.74 -7.73
CA ARG A 29 -4.85 -3.76 -7.05
C ARG A 29 -5.58 -3.09 -5.89
N GLN A 30 -6.86 -2.80 -6.09
CA GLN A 30 -7.67 -2.16 -5.04
C GLN A 30 -7.85 -3.13 -3.88
N ILE A 31 -8.08 -4.40 -4.22
CA ILE A 31 -8.21 -5.43 -3.19
C ILE A 31 -6.94 -5.61 -2.38
N ARG A 33 -4.51 -3.63 -1.91
CA ARG A 33 -4.22 -2.41 -1.13
C ARG A 33 -5.10 -2.30 0.12
N GLY A 34 -6.05 -3.22 0.25
CA GLY A 34 -6.93 -3.24 1.40
C GLY A 34 -8.12 -2.31 1.27
N GLU A 35 -8.44 -1.90 0.04
CA GLU A 35 -9.45 -0.87 -0.15
C GLU A 35 -10.88 -1.38 -0.27
N VAL A 36 -11.03 -2.69 -0.31
CA VAL A 36 -12.34 -3.30 -0.58
C VAL A 36 -12.76 -4.09 0.65
N SER A 37 -14.01 -3.91 1.10
CA SER A 37 -14.48 -4.55 2.33
C SER A 37 -14.48 -6.07 2.21
N ASP A 38 -14.43 -6.77 3.34
CA ASP A 38 -14.51 -8.25 3.32
C ASP A 38 -15.78 -8.74 2.59
N ALA A 39 -16.92 -8.11 2.87
CA ALA A 39 -18.17 -8.57 2.23
C ALA A 39 -18.18 -8.37 0.71
N VAL A 41 -15.40 -8.31 -1.14
CA VAL A 41 -14.45 -9.29 -1.66
C VAL A 41 -15.04 -10.69 -1.73
N SER A 42 -15.75 -11.11 -0.68
CA SER A 42 -16.31 -12.46 -0.70
C SER A 42 -17.39 -12.60 -1.81
N ALA A 43 -18.10 -11.50 -2.07
CA ALA A 43 -19.10 -11.48 -3.12
C ALA A 43 -18.44 -11.63 -4.50
N ILE A 44 -17.44 -10.82 -4.76
CA ILE A 44 -16.71 -10.90 -6.02
C ILE A 44 -16.07 -12.29 -6.21
N LEU A 45 -15.43 -12.82 -5.16
CA LEU A 45 -14.81 -14.15 -5.25
C LEU A 45 -15.82 -15.25 -5.55
N THR A 46 -17.01 -15.14 -4.95
CA THR A 46 -18.06 -16.10 -5.19
C THR A 46 -18.57 -15.99 -6.63
N GLY A 47 -18.84 -14.76 -7.08
CA GLY A 47 -19.30 -14.58 -8.46
C GLY A 47 -18.33 -15.19 -9.46
N LEU A 48 -17.04 -14.96 -9.22
CA LEU A 48 -16.00 -15.52 -10.10
C LEU A 48 -15.97 -17.05 -10.09
N ARG A 49 -16.18 -17.61 -8.91
CA ARG A 49 -16.10 -19.05 -8.69
C ARG A 49 -17.32 -19.75 -9.31
N VAL A 50 -18.50 -19.17 -9.13
CA VAL A 50 -19.71 -19.75 -9.74
C VAL A 50 -19.64 -19.72 -11.27
N LYS A 51 -19.28 -18.57 -11.80
CA LYS A 51 -19.11 -18.35 -13.24
C LYS A 51 -17.99 -19.23 -13.80
N LYS A 52 -17.02 -19.54 -12.93
CA LYS A 52 -15.71 -20.10 -13.27
C LYS A 52 -14.81 -19.06 -13.98
N GLU A 53 -13.54 -19.02 -13.57
CA GLU A 53 -12.62 -17.98 -13.99
C GLU A 53 -11.99 -18.28 -15.36
N THR A 54 -11.77 -17.23 -16.18
CA THR A 54 -11.18 -17.42 -17.52
C THR A 54 -9.69 -17.22 -17.44
N ILE A 55 -8.99 -17.59 -18.50
CA ILE A 55 -7.54 -17.44 -18.59
C ILE A 55 -7.18 -15.96 -18.39
N GLY A 56 -7.93 -15.08 -19.05
CA GLY A 56 -7.72 -13.66 -18.91
C GLY A 56 -7.84 -13.15 -17.48
N GLU A 57 -8.88 -13.61 -16.77
CA GLU A 57 -9.10 -13.19 -15.40
C GLU A 57 -7.97 -13.67 -14.51
N ILE A 58 -7.55 -14.93 -14.68
CA ILE A 58 -6.51 -15.48 -13.83
C ILE A 58 -5.17 -14.79 -14.07
N ALA A 59 -4.83 -14.59 -15.35
CA ALA A 59 -3.58 -13.94 -15.70
C ALA A 59 -3.52 -12.50 -15.18
N GLY A 60 -4.62 -11.76 -15.34
CA GLY A 60 -4.64 -10.38 -14.85
C GLY A 60 -4.48 -10.33 -13.35
N ALA A 61 -5.19 -11.22 -12.65
CA ALA A 61 -5.04 -11.29 -11.19
C ALA A 61 -3.63 -11.67 -10.75
N ALA A 62 -3.03 -12.66 -11.42
CA ALA A 62 -1.70 -13.13 -11.05
C ALA A 62 -0.65 -12.07 -11.34
N THR A 63 -0.88 -11.24 -12.36
CA THR A 63 0.01 -10.13 -12.63
C THR A 63 0.08 -9.18 -11.41
N VAL A 64 -1.04 -8.98 -10.74
CA VAL A 64 -1.06 -8.10 -9.57
C VAL A 64 -0.43 -8.80 -8.35
N ARG A 66 2.02 -10.80 -8.40
CA ARG A 66 3.46 -10.60 -8.61
C ARG A 66 3.89 -9.19 -8.21
N GLU A 67 3.08 -8.19 -8.55
CA GLU A 67 3.37 -6.80 -8.16
C GLU A 67 3.46 -6.65 -6.65
N PHE A 68 2.62 -7.35 -5.92
CA PHE A 68 2.62 -7.23 -4.46
C PHE A 68 3.58 -8.23 -3.78
N SER A 69 4.26 -9.04 -4.59
CA SER A 69 5.24 -9.98 -4.07
CA SER A 69 5.24 -9.98 -4.06
C SER A 69 6.61 -9.31 -3.92
N ARG A 70 7.46 -9.89 -3.08
CA ARG A 70 8.84 -9.44 -3.00
C ARG A 70 9.69 -10.35 -3.90
N ARG A 71 10.16 -9.77 -5.00
CA ARG A 71 10.89 -10.54 -6.01
C ARG A 71 12.29 -10.91 -5.54
N VAL A 72 12.88 -11.90 -6.20
CA VAL A 72 14.25 -12.30 -5.95
C VAL A 72 15.04 -12.01 -7.23
N GLU A 73 16.04 -11.14 -7.14
CA GLU A 73 16.78 -10.76 -8.34
C GLU A 73 18.03 -11.61 -8.54
N VAL A 74 17.87 -12.75 -9.21
CA VAL A 74 18.98 -13.64 -9.49
C VAL A 74 19.71 -13.20 -10.76
N THR A 75 21.04 -13.21 -10.71
CA THR A 75 21.84 -12.71 -11.82
C THR A 75 22.12 -13.78 -12.88
N ASP A 76 22.51 -14.98 -12.45
CA ASP A 76 22.74 -16.10 -13.37
C ASP A 76 21.45 -16.92 -13.54
N ARG A 77 20.68 -16.62 -14.59
CA ARG A 77 19.39 -17.25 -14.81
C ARG A 77 19.45 -18.46 -15.75
N ARG A 78 20.63 -19.05 -15.91
CA ARG A 78 20.78 -20.24 -16.73
C ARG A 78 20.11 -21.45 -16.07
N HIS A 79 19.35 -22.21 -16.86
CA HIS A 79 18.73 -23.45 -16.41
C HIS A 79 17.91 -23.36 -15.11
N VAL A 81 14.53 -23.42 -12.77
CA VAL A 81 13.19 -23.96 -12.71
C VAL A 81 12.51 -23.49 -11.43
N ASP A 82 11.28 -23.02 -11.56
CA ASP A 82 10.45 -22.69 -10.39
C ASP A 82 9.61 -23.94 -10.13
N ILE A 83 9.80 -24.53 -8.95
CA ILE A 83 9.05 -25.72 -8.55
C ILE A 83 8.00 -25.32 -7.54
N VAL A 84 6.73 -25.62 -7.84
CA VAL A 84 5.65 -25.15 -6.99
C VAL A 84 4.51 -26.17 -6.97
N GLY A 85 3.73 -26.19 -5.89
CA GLY A 85 2.64 -27.14 -5.74
C GLY A 85 1.45 -26.55 -5.02
N THR A 86 0.64 -27.41 -4.41
CA THR A 86 -0.53 -26.94 -3.65
C THR A 86 -0.25 -26.98 -2.15
N THR A 93 2.49 -38.42 3.65
CA THR A 93 3.23 -37.97 2.48
C THR A 93 4.34 -37.00 2.86
N PHE A 94 5.59 -37.38 2.59
CA PHE A 94 6.73 -36.55 2.95
C PHE A 94 6.96 -35.41 1.95
N ASN A 95 7.98 -34.61 2.21
CA ASN A 95 8.27 -33.45 1.38
C ASN A 95 9.00 -33.84 0.10
N ILE A 96 8.26 -34.33 -0.88
CA ILE A 96 8.85 -34.82 -2.13
C ILE A 96 9.53 -33.72 -2.94
N SER A 97 8.82 -32.61 -3.19
CA SER A 97 9.39 -31.50 -3.95
C SER A 97 10.63 -30.92 -3.27
N THR A 98 10.61 -30.88 -1.94
CA THR A 98 11.75 -30.40 -1.19
C THR A 98 12.96 -31.32 -1.39
N CYS A 99 12.73 -32.62 -1.34
CA CYS A 99 13.81 -33.57 -1.61
C CYS A 99 14.28 -33.49 -3.06
N ALA A 100 13.35 -33.31 -3.99
CA ALA A 100 13.70 -33.26 -5.41
C ALA A 100 14.48 -32.00 -5.76
N PHE A 102 17.01 -30.49 -4.17
CA PHE A 102 18.44 -30.70 -4.02
C PHE A 102 18.97 -31.64 -5.10
N VAL A 103 18.16 -32.62 -5.49
CA VAL A 103 18.54 -33.51 -6.57
C VAL A 103 18.69 -32.73 -7.89
N ALA A 104 17.69 -31.91 -8.22
CA ALA A 104 17.73 -31.13 -9.47
C ALA A 104 18.84 -30.07 -9.44
N ALA A 105 19.05 -29.46 -8.29
CA ALA A 105 20.15 -28.50 -8.12
C ALA A 105 21.50 -29.18 -8.33
N ALA A 106 21.65 -30.41 -7.83
CA ALA A 106 22.88 -31.17 -8.01
C ALA A 106 23.09 -31.53 -9.48
N GLY A 107 22.00 -31.84 -10.17
CA GLY A 107 22.05 -32.21 -11.57
C GLY A 107 22.24 -31.04 -12.53
N GLY A 108 22.27 -29.82 -12.00
CA GLY A 108 22.63 -28.67 -12.80
C GLY A 108 21.62 -27.53 -12.89
N ALA A 109 20.42 -27.73 -12.35
CA ALA A 109 19.41 -26.66 -12.36
C ALA A 109 19.56 -25.63 -11.23
N LYS A 110 19.10 -24.41 -11.48
CA LYS A 110 18.96 -23.42 -10.41
C LYS A 110 17.52 -23.47 -9.95
N VAL A 111 17.31 -23.94 -8.74
CA VAL A 111 15.97 -24.31 -8.31
C VAL A 111 15.37 -23.31 -7.33
N ALA A 112 14.23 -22.73 -7.70
CA ALA A 112 13.49 -21.87 -6.80
C ALA A 112 12.26 -22.63 -6.32
N LYS A 113 12.07 -22.70 -5.00
CA LYS A 113 10.92 -23.40 -4.46
C LYS A 113 10.16 -22.56 -3.43
N HIS A 114 8.84 -22.61 -3.48
CA HIS A 114 7.98 -21.91 -2.53
C HIS A 114 7.74 -22.77 -1.30
N GLY A 115 7.33 -22.14 -0.21
CA GLY A 115 7.04 -22.87 1.01
C GLY A 115 6.22 -22.07 1.99
N SER A 125 7.13 -28.18 3.98
CA SER A 125 8.40 -27.89 3.30
C SER A 125 9.26 -26.97 4.15
N ALA A 126 8.74 -25.79 4.46
CA ALA A 126 9.46 -24.86 5.32
C ALA A 126 9.76 -25.52 6.66
N ASP A 127 8.85 -26.39 7.09
CA ASP A 127 9.03 -27.13 8.34
C ASP A 127 10.15 -28.17 8.19
N ALA A 128 10.23 -28.76 7.00
CA ALA A 128 11.24 -29.77 6.72
C ALA A 128 12.66 -29.22 6.81
N LEU A 129 12.88 -28.05 6.23
CA LEU A 129 14.21 -27.47 6.11
C LEU A 129 14.78 -26.97 7.42
N GLU A 130 13.93 -26.43 8.29
CA GLU A 130 14.40 -25.90 9.56
C GLU A 130 14.69 -27.03 10.56
N ALA A 131 14.03 -28.17 10.35
CA ALA A 131 14.30 -29.37 11.14
C ALA A 131 15.36 -30.20 10.43
N LEU A 132 16.22 -29.52 9.70
CA LEU A 132 17.28 -30.13 8.93
C LEU A 132 18.50 -29.25 9.07
N GLY A 133 18.30 -28.10 9.72
CA GLY A 133 19.40 -27.19 10.01
C GLY A 133 19.30 -25.82 9.36
N ALA A 134 18.49 -25.70 8.33
CA ALA A 134 18.38 -24.44 7.59
C ALA A 134 17.60 -23.36 8.34
N VAL A 135 17.96 -22.11 8.11
CA VAL A 135 17.18 -20.98 8.60
C VAL A 135 16.14 -20.64 7.54
N ILE A 136 14.93 -20.28 7.96
CA ILE A 136 13.85 -20.06 7.01
C ILE A 136 13.58 -18.59 6.73
N GLU A 137 13.78 -17.74 7.74
CA GLU A 137 13.53 -16.31 7.61
C GLU A 137 14.66 -15.65 6.85
N LEU A 138 14.68 -15.88 5.54
CA LEU A 138 15.67 -15.24 4.68
C LEU A 138 14.98 -14.09 3.93
N GLN A 139 15.64 -12.95 3.89
CA GLN A 139 15.20 -11.82 3.07
C GLN A 139 15.48 -12.13 1.60
N PRO A 140 14.69 -11.55 0.68
CA PRO A 140 14.81 -11.87 -0.75
C PRO A 140 16.24 -11.71 -1.29
N GLU A 141 17.04 -10.85 -0.67
CA GLU A 141 18.42 -10.64 -1.09
C GLU A 141 19.28 -11.85 -0.69
N GLN A 142 18.93 -12.49 0.41
CA GLN A 142 19.63 -13.67 0.88
C GLN A 142 19.25 -14.92 0.05
N VAL A 143 18.01 -14.98 -0.41
CA VAL A 143 17.61 -16.06 -1.33
C VAL A 143 18.36 -15.95 -2.65
N ALA A 144 18.52 -14.71 -3.14
CA ALA A 144 19.30 -14.48 -4.34
C ALA A 144 20.72 -15.00 -4.15
N ALA A 145 21.25 -14.80 -2.95
CA ALA A 145 22.61 -15.23 -2.64
C ALA A 145 22.72 -16.76 -2.56
N SER A 146 21.73 -17.42 -1.97
CA SER A 146 21.75 -18.88 -1.91
C SER A 146 21.65 -19.49 -3.29
N LEU A 147 20.81 -18.91 -4.15
CA LEU A 147 20.70 -19.38 -5.53
C LEU A 147 22.03 -19.30 -6.26
N ALA A 148 22.71 -18.17 -6.10
CA ALA A 148 24.00 -17.96 -6.73
C ALA A 148 25.06 -18.94 -6.21
N GLN A 149 25.02 -19.21 -4.91
CA GLN A 149 26.05 -20.03 -4.28
C GLN A 149 25.77 -21.54 -4.33
N THR A 150 24.51 -21.93 -4.19
CA THR A 150 24.16 -23.34 -4.02
C THR A 150 23.20 -23.86 -5.08
N GLY A 151 22.60 -22.96 -5.84
CA GLY A 151 21.66 -23.34 -6.88
C GLY A 151 20.31 -23.63 -6.30
N ILE A 152 20.13 -23.31 -5.02
CA ILE A 152 18.89 -23.56 -4.31
C ILE A 152 18.32 -22.26 -3.76
N GLY A 153 17.05 -22.00 -4.06
CA GLY A 153 16.41 -20.80 -3.57
C GLY A 153 15.08 -21.14 -2.93
N PHE A 154 15.05 -21.22 -1.60
CA PHE A 154 13.79 -21.47 -0.92
C PHE A 154 13.13 -20.18 -0.50
N TYR A 156 10.34 -18.48 1.62
CA TYR A 156 9.36 -18.54 2.69
C TYR A 156 8.19 -17.62 2.34
N ALA A 157 7.02 -18.19 2.16
CA ALA A 157 5.85 -17.43 1.67
C ALA A 157 5.50 -16.14 2.45
N PRO A 158 5.50 -16.18 3.79
CA PRO A 158 5.22 -14.94 4.53
C PRO A 158 6.20 -13.81 4.23
N VAL A 159 7.42 -14.14 3.84
CA VAL A 159 8.42 -13.11 3.52
C VAL A 159 8.12 -12.55 2.13
N HIS A 160 7.82 -13.44 1.19
CA HIS A 160 7.64 -13.04 -0.20
C HIS A 160 6.24 -12.62 -0.56
N HIS A 161 5.26 -12.99 0.26
CA HIS A 161 3.89 -12.60 -0.04
C HIS A 161 3.19 -11.89 1.13
N PRO A 162 3.77 -10.79 1.60
CA PRO A 162 3.24 -10.13 2.80
C PRO A 162 1.82 -9.60 2.63
N ALA A 163 1.40 -9.26 1.41
CA ALA A 163 0.07 -8.68 1.22
C ALA A 163 -1.05 -9.71 1.28
N LYS A 165 -1.89 -11.35 3.73
CA LYS A 165 -2.55 -11.09 5.01
C LYS A 165 -3.80 -10.25 4.83
N VAL A 166 -3.83 -9.44 3.77
CA VAL A 166 -4.98 -8.56 3.52
C VAL A 166 -6.26 -9.34 3.28
N VAL A 167 -6.16 -10.46 2.55
CA VAL A 167 -7.35 -11.26 2.25
C VAL A 167 -7.43 -12.59 3.02
N ALA A 168 -6.43 -12.86 3.86
CA ALA A 168 -6.47 -14.09 4.66
C ALA A 168 -7.74 -14.26 5.52
N PRO A 169 -8.18 -13.21 6.25
CA PRO A 169 -9.40 -13.44 7.04
C PRO A 169 -10.64 -13.76 6.21
N VAL A 170 -10.84 -13.04 5.11
CA VAL A 170 -12.03 -13.30 4.32
C VAL A 170 -11.96 -14.73 3.69
N ARG A 171 -10.78 -15.15 3.25
CA ARG A 171 -10.61 -16.53 2.72
C ARG A 171 -10.91 -17.59 3.77
N ARG A 172 -10.45 -17.35 5.00
CA ARG A 172 -10.68 -18.27 6.09
C ARG A 172 -12.17 -18.34 6.46
N GLU A 173 -12.87 -17.22 6.35
CA GLU A 173 -14.29 -17.18 6.70
C GLU A 173 -15.14 -17.92 5.62
N GLY A 175 -14.13 -20.39 3.52
CA GLY A 175 -13.88 -21.80 3.67
C GLY A 175 -13.69 -22.48 2.32
N VAL A 176 -14.44 -22.04 1.32
CA VAL A 176 -14.38 -22.69 0.00
C VAL A 176 -13.17 -22.20 -0.80
N ARG A 177 -12.76 -22.96 -1.80
CA ARG A 177 -11.70 -22.52 -2.71
C ARG A 177 -12.17 -21.32 -3.53
N THR A 178 -11.23 -20.42 -3.84
CA THR A 178 -11.50 -19.24 -4.65
C THR A 178 -10.31 -19.05 -5.58
N ILE A 179 -10.34 -17.99 -6.38
CA ILE A 179 -9.24 -17.73 -7.30
C ILE A 179 -7.89 -17.59 -6.57
N PHE A 180 -7.90 -17.16 -5.30
CA PHE A 180 -6.65 -17.01 -4.59
C PHE A 180 -5.92 -18.34 -4.41
N ASN A 181 -6.67 -19.43 -4.34
CA ASN A 181 -6.06 -20.74 -4.23
C ASN A 181 -5.19 -21.10 -5.43
N ILE A 182 -5.39 -20.45 -6.57
CA ILE A 182 -4.56 -20.76 -7.71
C ILE A 182 -3.59 -19.66 -8.15
N LEU A 183 -3.64 -18.51 -7.48
CA LEU A 183 -2.78 -17.38 -7.85
C LEU A 183 -1.38 -17.50 -7.24
N GLY A 184 -1.31 -18.07 -6.05
CA GLY A 184 -0.03 -18.21 -5.34
C GLY A 184 1.05 -18.90 -6.16
N PRO A 185 0.74 -20.10 -6.65
CA PRO A 185 1.67 -20.79 -7.55
C PRO A 185 2.10 -19.99 -8.80
N LEU A 186 1.34 -18.98 -9.23
CA LEU A 186 1.74 -18.24 -10.44
C LEU A 186 2.70 -17.05 -10.18
N THR A 187 2.99 -16.77 -8.93
CA THR A 187 3.73 -15.53 -8.61
C THR A 187 5.20 -15.51 -9.09
N ASN A 188 5.88 -16.66 -9.00
CA ASN A 188 7.21 -16.86 -9.58
C ASN A 188 8.20 -15.74 -9.20
N PRO A 189 8.43 -15.53 -7.90
CA PRO A 189 9.14 -14.30 -7.49
C PRO A 189 10.60 -14.23 -7.98
N ALA A 190 11.19 -15.36 -8.35
CA ALA A 190 12.54 -15.37 -8.91
C ALA A 190 12.55 -15.16 -10.41
N GLY A 191 11.36 -15.08 -11.01
CA GLY A 191 11.23 -14.90 -12.45
C GLY A 191 11.84 -16.00 -13.34
N SER A 192 11.70 -17.26 -12.94
CA SER A 192 12.18 -18.33 -13.80
C SER A 192 11.34 -18.38 -15.08
N PRO A 193 12.00 -18.57 -16.23
CA PRO A 193 11.23 -18.75 -17.46
C PRO A 193 10.57 -20.14 -17.51
N ASN A 194 11.02 -21.04 -16.63
CA ASN A 194 10.64 -22.46 -16.65
C ASN A 194 9.99 -22.89 -15.34
N ILE A 195 8.86 -23.60 -15.43
CA ILE A 195 8.06 -23.88 -14.24
C ILE A 195 7.64 -25.34 -14.18
N LEU A 196 7.81 -25.97 -13.02
CA LEU A 196 7.22 -27.27 -12.76
C LEU A 196 6.14 -27.08 -11.71
N GLY A 198 2.64 -28.58 -9.72
CA GLY A 198 1.64 -29.58 -9.44
C GLY A 198 0.33 -28.89 -9.08
N VAL A 199 -0.79 -29.46 -9.51
CA VAL A 199 -2.07 -28.82 -9.24
C VAL A 199 -3.02 -29.72 -8.52
N PHE A 200 -4.13 -29.13 -8.09
CA PHE A 200 -5.13 -29.68 -7.19
C PHE A 200 -6.22 -30.49 -7.92
N HIS A 201 -6.42 -30.20 -9.19
CA HIS A 201 -7.59 -30.70 -9.92
C HIS A 201 -7.19 -30.86 -11.38
N PRO A 202 -7.69 -31.91 -12.06
CA PRO A 202 -7.26 -32.11 -13.46
C PRO A 202 -7.59 -30.93 -14.38
N ASP A 203 -8.68 -30.21 -14.13
CA ASP A 203 -9.03 -29.03 -14.94
C ASP A 203 -7.90 -28.00 -14.96
N LEU A 204 -7.15 -27.92 -13.87
CA LEU A 204 -6.15 -26.88 -13.71
C LEU A 204 -4.89 -27.17 -14.51
N VAL A 205 -4.78 -28.38 -15.06
CA VAL A 205 -3.61 -28.72 -15.86
C VAL A 205 -3.65 -27.86 -17.15
N GLY A 206 -4.76 -27.91 -17.86
CA GLY A 206 -4.92 -27.14 -19.08
C GLY A 206 -5.05 -25.64 -18.80
N ILE A 207 -5.76 -25.29 -17.74
CA ILE A 207 -5.88 -23.88 -17.37
C ILE A 207 -4.51 -23.26 -17.04
N GLN A 208 -3.79 -23.84 -16.09
CA GLN A 208 -2.57 -23.21 -15.61
C GLN A 208 -1.45 -23.20 -16.65
N ALA A 209 -1.37 -24.21 -17.51
CA ALA A 209 -0.40 -24.20 -18.59
C ALA A 209 -0.63 -22.97 -19.46
N ARG A 210 -1.89 -22.67 -19.77
CA ARG A 210 -2.24 -21.53 -20.63
C ARG A 210 -2.11 -20.18 -19.90
N VAL A 211 -2.39 -20.16 -18.61
CA VAL A 211 -2.18 -18.92 -17.82
C VAL A 211 -0.68 -18.62 -17.77
N LEU A 212 0.14 -19.64 -17.52
CA LEU A 212 1.59 -19.46 -17.55
C LEU A 212 2.08 -18.91 -18.88
N GLN A 213 1.57 -19.45 -19.98
CA GLN A 213 1.92 -18.93 -21.29
C GLN A 213 1.55 -17.46 -21.44
N GLU A 214 0.35 -17.11 -21.00
CA GLU A 214 -0.11 -15.73 -21.01
C GLU A 214 0.80 -14.84 -20.16
N LEU A 215 1.31 -15.38 -19.06
CA LEU A 215 2.19 -14.61 -18.17
C LEU A 215 3.64 -14.53 -18.69
N GLY A 216 3.89 -15.18 -19.82
CA GLY A 216 5.19 -15.11 -20.47
C GLY A 216 6.20 -16.21 -20.12
N ALA A 217 5.72 -17.31 -19.53
CA ALA A 217 6.62 -18.45 -19.32
C ALA A 217 7.12 -19.01 -20.66
N GLU A 218 8.35 -19.49 -20.69
CA GLU A 218 8.90 -20.10 -21.89
C GLU A 218 8.61 -21.60 -21.94
N ARG A 219 8.74 -22.26 -20.80
CA ARG A 219 8.45 -23.69 -20.70
C ARG A 219 7.74 -23.99 -19.40
N ALA A 220 6.81 -24.94 -19.44
CA ALA A 220 6.15 -25.39 -18.22
C ALA A 220 5.70 -26.82 -18.33
N LEU A 221 5.70 -27.51 -17.19
CA LEU A 221 5.01 -28.79 -17.06
C LEU A 221 4.04 -28.59 -15.91
N VAL A 222 2.76 -28.85 -16.15
CA VAL A 222 1.75 -28.74 -15.11
C VAL A 222 1.18 -30.12 -14.92
N VAL A 223 1.17 -30.61 -13.68
CA VAL A 223 0.89 -32.03 -13.48
C VAL A 223 -0.14 -32.28 -12.40
N TRP A 224 -0.92 -33.33 -12.61
CA TRP A 224 -1.85 -33.82 -11.62
C TRP A 224 -1.84 -35.35 -11.66
N GLY A 225 -1.51 -35.97 -10.53
CA GLY A 225 -1.56 -37.42 -10.45
C GLY A 225 -3.01 -37.83 -10.28
N ARG A 226 -3.42 -38.86 -11.01
CA ARG A 226 -4.83 -39.29 -11.00
C ARG A 226 -5.27 -39.85 -9.65
N ASP A 227 -4.31 -40.14 -8.78
CA ASP A 227 -4.62 -40.61 -7.43
C ASP A 227 -4.69 -39.45 -6.44
N GLY A 228 -4.80 -38.23 -6.96
CA GLY A 228 -4.85 -37.05 -6.14
C GLY A 228 -3.49 -36.64 -5.58
N ASP A 230 -0.29 -33.70 -6.15
CA ASP A 230 0.14 -32.49 -6.86
C ASP A 230 1.59 -32.64 -7.33
N GLU A 231 1.86 -33.76 -8.01
CA GLU A 231 3.18 -34.05 -8.57
C GLU A 231 3.07 -35.27 -9.44
N LEU A 232 4.16 -35.65 -10.09
CA LEU A 232 4.18 -36.89 -10.85
C LEU A 232 4.06 -38.06 -9.87
N SER A 233 3.04 -38.89 -10.09
CA SER A 233 2.68 -39.93 -9.13
C SER A 233 3.30 -41.27 -9.48
N LEU A 234 3.35 -42.15 -8.49
CA LEU A 234 3.87 -43.50 -8.67
C LEU A 234 2.74 -44.52 -8.57
N GLY A 235 1.59 -44.08 -8.10
CA GLY A 235 0.46 -44.98 -7.88
C GLY A 235 -0.64 -44.93 -8.91
N ALA A 236 -0.46 -44.12 -9.94
CA ALA A 236 -1.42 -43.99 -11.04
C ALA A 236 -0.79 -43.17 -12.15
N GLY A 237 -1.52 -42.99 -13.24
CA GLY A 237 -1.07 -42.11 -14.30
C GLY A 237 -1.04 -40.67 -13.83
N THR A 238 -0.27 -39.85 -14.52
CA THR A 238 -0.23 -38.42 -14.24
C THR A 238 -0.63 -37.64 -15.49
N LEU A 239 -1.59 -36.73 -15.33
CA LEU A 239 -1.95 -35.84 -16.41
C LEU A 239 -0.93 -34.71 -16.49
N VAL A 240 -0.41 -34.45 -17.69
CA VAL A 240 0.60 -33.41 -17.88
C VAL A 240 0.17 -32.39 -18.94
N GLY A 241 0.34 -31.12 -18.62
CA GLY A 241 0.14 -30.05 -19.60
C GLY A 241 1.49 -29.43 -19.84
N GLU A 242 1.97 -29.51 -21.07
CA GLU A 242 3.30 -28.97 -21.34
C GLU A 242 3.24 -27.75 -22.25
N LEU A 243 3.81 -26.67 -21.76
CA LEU A 243 4.06 -25.49 -22.55
C LEU A 243 5.47 -25.58 -23.10
N ARG A 244 5.59 -25.56 -24.41
CA ARG A 244 6.89 -25.59 -25.05
C ARG A 244 6.77 -24.97 -26.43
N ASP A 245 7.72 -24.08 -26.76
CA ASP A 245 7.78 -23.48 -28.09
C ASP A 245 6.49 -22.77 -28.49
N GLY A 246 5.91 -22.03 -27.54
CA GLY A 246 4.72 -21.26 -27.80
C GLY A 246 3.46 -22.09 -27.93
N GLN A 247 3.53 -23.37 -27.54
CA GLN A 247 2.40 -24.26 -27.69
C GLN A 247 2.14 -25.11 -26.44
N VAL A 248 0.88 -25.42 -26.19
CA VAL A 248 0.51 -26.25 -25.05
C VAL A 248 0.00 -27.60 -25.56
N HIS A 249 0.55 -28.69 -25.00
CA HIS A 249 0.14 -30.05 -25.35
C HIS A 249 -0.18 -30.85 -24.11
N GLU A 250 -1.26 -31.62 -24.14
CA GLU A 250 -1.65 -32.38 -22.97
C GLU A 250 -1.48 -33.87 -23.22
N TYR A 251 -0.99 -34.58 -22.22
CA TYR A 251 -0.78 -36.02 -22.37
C TYR A 251 -0.70 -36.70 -21.02
N GLU A 252 -0.61 -38.02 -21.02
CA GLU A 252 -0.52 -38.74 -19.76
C GLU A 252 0.74 -39.60 -19.69
N VAL A 253 1.35 -39.62 -18.52
CA VAL A 253 2.51 -40.47 -18.30
C VAL A 253 2.22 -41.48 -17.20
N HIS A 254 2.96 -42.58 -17.24
CA HIS A 254 2.88 -43.61 -16.22
C HIS A 254 4.30 -43.92 -15.79
N PRO A 255 4.47 -44.35 -14.53
CA PRO A 255 5.79 -44.69 -14.01
C PRO A 255 6.48 -45.75 -14.87
N GLU A 256 5.70 -46.70 -15.39
CA GLU A 256 6.24 -47.79 -16.21
C GLU A 256 6.90 -47.28 -17.49
N ASP A 257 6.41 -46.18 -18.03
CA ASP A 257 7.03 -45.52 -19.18
C ASP A 257 8.52 -45.25 -18.95
N PHE A 258 8.89 -45.04 -17.69
CA PHE A 258 10.26 -44.71 -17.33
C PHE A 258 11.00 -45.83 -16.61
N GLY A 259 10.43 -47.03 -16.60
CA GLY A 259 11.10 -48.18 -16.02
C GLY A 259 10.97 -48.28 -14.51
N ILE A 260 9.92 -47.64 -14.00
CA ILE A 260 9.67 -47.56 -12.57
C ILE A 260 8.40 -48.33 -12.22
N ALA A 261 8.50 -49.24 -11.27
CA ALA A 261 7.33 -49.99 -10.81
C ALA A 261 6.32 -49.09 -10.13
N SER A 263 3.55 -48.01 -7.36
CA SER A 263 3.57 -48.14 -5.91
C SER A 263 2.41 -47.41 -5.25
N ALA A 264 1.68 -48.10 -4.39
CA ALA A 264 0.54 -47.52 -3.69
C ALA A 264 0.98 -46.44 -2.72
N ALA A 274 7.93 -36.39 11.50
CA ALA A 274 9.12 -36.86 12.20
C ALA A 274 9.88 -37.88 11.37
N GLU A 275 9.14 -38.71 10.64
CA GLU A 275 9.76 -39.69 9.75
C GLU A 275 9.74 -39.17 8.32
N SER A 276 9.15 -38.00 8.14
CA SER A 276 9.17 -37.32 6.86
C SER A 276 10.58 -36.79 6.60
N ARG A 277 11.29 -36.49 7.68
CA ARG A 277 12.69 -36.10 7.57
C ARG A 277 13.57 -37.33 7.47
N ALA A 278 13.13 -38.44 8.07
CA ALA A 278 13.84 -39.70 7.96
C ALA A 278 13.79 -40.22 6.53
N LEU A 280 13.06 -38.47 3.73
CA LEU A 280 13.84 -37.52 2.92
C LEU A 280 15.33 -37.85 2.96
N LEU A 281 15.85 -38.01 4.17
CA LEU A 281 17.28 -38.21 4.35
C LEU A 281 17.78 -39.51 3.74
N GLN A 282 16.98 -40.56 3.86
CA GLN A 282 17.35 -41.85 3.27
C GLN A 282 17.43 -41.77 1.75
N VAL A 283 16.56 -40.96 1.15
CA VAL A 283 16.58 -40.78 -0.30
C VAL A 283 17.91 -40.17 -0.76
N LEU A 284 18.34 -39.09 -0.11
CA LEU A 284 19.57 -38.42 -0.46
C LEU A 284 20.80 -39.29 -0.16
N ASP A 285 20.59 -40.33 0.63
CA ASP A 285 21.61 -41.32 0.95
C ASP A 285 21.62 -42.47 -0.07
N ASN A 286 20.83 -42.31 -1.13
CA ASN A 286 20.71 -43.31 -2.19
C ASN A 286 20.11 -44.65 -1.74
N VAL A 287 19.29 -44.63 -0.71
CA VAL A 287 18.55 -45.82 -0.30
C VAL A 287 17.40 -46.07 -1.26
N PRO A 288 17.45 -47.19 -2.00
CA PRO A 288 16.43 -47.50 -3.00
C PRO A 288 15.06 -47.74 -2.38
N GLY A 289 14.00 -47.50 -3.15
CA GLY A 289 12.65 -47.70 -2.68
C GLY A 289 11.71 -46.81 -3.45
N PRO A 290 10.41 -46.88 -3.13
CA PRO A 290 9.44 -46.00 -3.80
C PRO A 290 9.75 -44.53 -3.51
N ALA A 291 10.27 -44.24 -2.34
CA ALA A 291 10.57 -42.87 -1.96
C ALA A 291 11.61 -42.28 -2.91
N LEU A 292 12.70 -43.01 -3.12
CA LEU A 292 13.75 -42.57 -4.04
C LEU A 292 13.18 -42.41 -5.44
N ASP A 293 12.36 -43.37 -5.86
CA ASP A 293 11.82 -43.39 -7.22
C ASP A 293 10.92 -42.18 -7.55
N ILE A 294 10.08 -41.77 -6.61
CA ILE A 294 9.22 -40.63 -6.86
C ILE A 294 10.01 -39.33 -6.87
N VAL A 295 11.10 -39.30 -6.10
CA VAL A 295 11.97 -38.13 -6.10
C VAL A 295 12.75 -38.06 -7.42
N ALA A 296 13.29 -39.20 -7.85
CA ALA A 296 14.03 -39.26 -9.11
C ALA A 296 13.14 -38.86 -10.28
N LEU A 297 11.90 -39.33 -10.26
CA LEU A 297 10.91 -38.98 -11.27
C LEU A 297 10.64 -37.47 -11.34
N ASN A 298 10.30 -36.88 -10.20
CA ASN A 298 9.98 -35.46 -10.14
C ASN A 298 11.18 -34.55 -10.37
N ALA A 299 12.33 -34.94 -9.82
CA ALA A 299 13.58 -34.23 -10.09
C ALA A 299 13.95 -34.29 -11.56
N GLY A 300 13.70 -35.44 -12.18
CA GLY A 300 13.93 -35.61 -13.61
C GLY A 300 13.09 -34.65 -14.43
N ALA A 301 11.82 -34.54 -14.08
CA ALA A 301 10.91 -33.63 -14.75
C ALA A 301 11.40 -32.17 -14.61
N ALA A 302 11.95 -31.86 -13.45
CA ALA A 302 12.47 -30.51 -13.18
C ALA A 302 13.69 -30.21 -14.05
N LEU A 303 14.59 -31.18 -14.18
CA LEU A 303 15.77 -31.04 -15.05
C LEU A 303 15.40 -30.93 -16.52
N TYR A 304 14.37 -31.64 -16.95
CA TYR A 304 13.87 -31.51 -18.31
C TYR A 304 13.32 -30.10 -18.55
N VAL A 305 12.42 -29.62 -17.70
CA VAL A 305 11.84 -28.29 -17.96
C VAL A 305 12.88 -27.14 -17.78
N ALA A 306 13.90 -27.37 -16.95
CA ALA A 306 15.00 -26.41 -16.78
C ALA A 306 15.92 -26.33 -17.99
N GLY A 307 15.83 -27.30 -18.89
CA GLY A 307 16.65 -27.27 -20.09
C GLY A 307 17.94 -28.07 -19.95
N VAL A 308 18.13 -28.71 -18.80
CA VAL A 308 19.35 -29.48 -18.56
C VAL A 308 19.28 -30.85 -19.25
N ALA A 309 18.11 -31.49 -19.16
CA ALA A 309 17.93 -32.83 -19.71
C ALA A 309 17.17 -32.80 -21.02
N ASP A 310 17.44 -33.78 -21.87
CA ASP A 310 16.82 -33.85 -23.22
C ASP A 310 15.36 -34.29 -23.14
N SER A 311 15.01 -35.00 -22.07
CA SER A 311 13.71 -35.61 -21.92
C SER A 311 13.52 -35.87 -20.45
N ILE A 312 12.30 -36.17 -20.04
CA ILE A 312 12.03 -36.57 -18.66
C ILE A 312 12.84 -37.84 -18.30
N ALA A 313 12.81 -38.83 -19.18
CA ALA A 313 13.61 -40.05 -18.99
C ALA A 313 15.07 -39.71 -18.73
N ASP A 314 15.62 -38.82 -19.55
CA ASP A 314 17.00 -38.39 -19.39
C ASP A 314 17.21 -37.64 -18.07
N GLY A 315 16.19 -36.91 -17.64
CA GLY A 315 16.26 -36.22 -16.37
C GLY A 315 16.36 -37.21 -15.22
N ILE A 316 15.60 -38.30 -15.31
CA ILE A 316 15.63 -39.32 -14.26
C ILE A 316 17.02 -39.96 -14.14
N VAL A 317 17.64 -40.29 -15.27
CA VAL A 317 19.00 -40.80 -15.28
C VAL A 317 19.97 -39.87 -14.54
N ARG A 318 19.94 -38.58 -14.88
CA ARG A 318 20.78 -37.57 -14.23
C ARG A 318 20.50 -37.52 -12.74
N ALA A 319 19.22 -37.53 -12.39
CA ALA A 319 18.77 -37.51 -11.00
C ALA A 319 19.31 -38.68 -10.21
N ARG A 320 19.29 -39.87 -10.82
CA ARG A 320 19.80 -41.07 -10.15
C ARG A 320 21.31 -40.98 -9.93
N GLN A 321 22.02 -40.39 -10.89
CA GLN A 321 23.47 -40.28 -10.80
C GLN A 321 23.92 -39.34 -9.69
N VAL A 322 23.20 -38.24 -9.48
CA VAL A 322 23.57 -37.30 -8.42
C VAL A 322 23.11 -37.79 -7.05
N LEU A 323 22.14 -38.70 -7.03
CA LEU A 323 21.79 -39.39 -5.79
C LEU A 323 22.89 -40.38 -5.44
N ALA A 324 23.40 -41.06 -6.47
CA ALA A 324 24.41 -42.10 -6.28
C ALA A 324 25.80 -41.58 -5.93
N ASP A 325 26.18 -40.42 -6.47
CA ASP A 325 27.50 -39.91 -6.18
C ASP A 325 27.53 -39.06 -4.91
N GLY A 326 26.36 -38.91 -4.28
CA GLY A 326 26.24 -38.17 -3.04
C GLY A 326 26.22 -36.66 -3.19
N SER A 327 26.19 -36.19 -4.43
CA SER A 327 26.26 -34.75 -4.66
C SER A 327 24.95 -34.05 -4.35
N ALA A 328 23.84 -34.80 -4.35
CA ALA A 328 22.57 -34.23 -3.94
C ALA A 328 22.61 -33.98 -2.44
N ARG A 329 23.18 -34.92 -1.71
CA ARG A 329 23.37 -34.79 -0.27
C ARG A 329 24.25 -33.59 0.06
N ALA A 330 25.41 -33.52 -0.61
CA ALA A 330 26.33 -32.42 -0.41
C ALA A 330 25.66 -31.08 -0.65
N CYS A 331 24.78 -31.02 -1.64
CA CYS A 331 24.06 -29.79 -1.94
C CYS A 331 23.10 -29.35 -0.81
N LEU A 332 22.41 -30.31 -0.21
CA LEU A 332 21.62 -30.02 0.99
C LEU A 332 22.50 -29.41 2.07
N ASP A 333 23.70 -29.95 2.24
CA ASP A 333 24.61 -29.49 3.28
C ASP A 333 25.17 -28.10 2.99
N ALA A 334 25.50 -27.86 1.73
CA ALA A 334 25.96 -26.54 1.32
C ALA A 334 24.86 -25.50 1.53
N TYR A 335 23.61 -25.90 1.28
CA TYR A 335 22.48 -25.00 1.46
C TYR A 335 22.27 -24.62 2.94
N VAL A 336 22.13 -25.64 3.78
CA VAL A 336 22.03 -25.45 5.23
C VAL A 336 23.12 -24.52 5.72
N ALA A 337 24.37 -24.88 5.42
CA ALA A 337 25.52 -24.10 5.86
C ALA A 337 25.43 -22.66 5.39
N PHE A 338 24.96 -22.47 4.17
CA PHE A 338 24.77 -21.11 3.66
C PHE A 338 23.76 -20.34 4.50
N THR A 339 22.62 -20.96 4.79
CA THR A 339 21.55 -20.26 5.49
C THR A 339 21.94 -19.92 6.93
N GLN A 340 22.85 -20.71 7.49
CA GLN A 340 23.33 -20.45 8.85
C GLN A 340 24.40 -19.35 8.89
N GLN A 341 25.21 -19.27 7.84
CA GLN A 341 26.21 -18.22 7.75
C GLN A 341 25.58 -16.87 7.41
N ALA A 342 24.60 -16.88 6.50
CA ALA A 342 23.96 -15.65 6.02
C ALA A 342 23.22 -14.91 7.12
N THR A 343 22.63 -15.66 8.04
CA THR A 343 21.81 -15.09 9.09
C THR A 343 22.57 -15.08 10.41
N ALA A 344 23.72 -14.41 10.42
CA ALA A 344 24.54 -14.33 11.63
C ALA A 344 25.01 -12.90 11.91
N PRO B 3 7.77 -6.60 16.15
CA PRO B 3 7.05 -5.36 16.43
C PRO B 3 5.60 -5.64 16.85
N ILE B 4 4.87 -4.59 17.20
CA ILE B 4 3.60 -4.76 17.91
C ILE B 4 2.51 -5.38 17.07
N THR B 5 1.72 -6.26 17.69
CA THR B 5 0.56 -6.81 16.99
C THR B 5 -0.66 -5.96 17.32
N PRO B 6 -1.67 -6.00 16.44
CA PRO B 6 -2.89 -5.27 16.74
C PRO B 6 -3.49 -5.70 18.09
N GLN B 7 -3.48 -6.99 18.41
CA GLN B 7 -4.02 -7.37 19.72
C GLN B 7 -3.20 -6.79 20.90
N GLN B 8 -1.89 -6.71 20.75
CA GLN B 8 -1.04 -6.15 21.82
C GLN B 8 -1.31 -4.65 22.04
N ALA B 9 -1.59 -3.98 20.94
CA ALA B 9 -1.92 -2.56 20.97
C ALA B 9 -3.28 -2.35 21.65
N LEU B 10 -4.24 -3.18 21.31
CA LEU B 10 -5.54 -3.11 21.98
C LEU B 10 -5.39 -3.33 23.48
N GLN B 11 -4.63 -4.37 23.84
CA GLN B 11 -4.40 -4.71 25.24
C GLN B 11 -3.69 -3.55 25.95
N ARG B 12 -2.77 -2.89 25.27
CA ARG B 12 -2.10 -1.72 25.86
C ARG B 12 -3.10 -0.62 26.25
N THR B 13 -4.05 -0.33 25.36
CA THR B 13 -5.00 0.73 25.65
C THR B 13 -5.97 0.33 26.75
N ILE B 14 -6.26 -0.97 26.86
CA ILE B 14 -7.12 -1.48 27.92
C ILE B 14 -6.46 -1.32 29.29
N GLU B 15 -5.13 -1.34 29.27
CA GLU B 15 -4.36 -1.11 30.50
C GLU B 15 -4.16 0.38 30.77
N HIS B 16 -4.83 1.20 29.96
CA HIS B 16 -4.76 2.66 30.05
C HIS B 16 -3.37 3.21 29.74
N ARG B 17 -2.58 2.44 29.01
CA ARG B 17 -1.20 2.79 28.79
C ARG B 17 -0.89 3.38 27.42
N GLU B 18 0.21 4.09 27.36
CA GLU B 18 0.69 4.70 26.14
C GLU B 18 1.25 3.67 25.17
N ILE B 19 0.87 3.77 23.91
CA ILE B 19 1.55 3.06 22.83
C ILE B 19 2.73 3.96 22.43
N PHE B 20 3.93 3.41 22.45
CA PHE B 20 5.11 4.22 22.22
C PHE B 20 5.20 4.65 20.77
N HIS B 21 5.93 5.73 20.53
CA HIS B 21 6.06 6.28 19.18
C HIS B 21 6.46 5.23 18.15
N ASP B 22 7.46 4.41 18.49
CA ASP B 22 7.98 3.43 17.54
C ASP B 22 6.98 2.30 17.27
N GLU B 23 6.25 1.91 18.32
CA GLU B 23 5.19 0.93 18.18
C GLU B 23 4.06 1.46 17.31
N VAL B 25 4.18 3.68 14.97
CA VAL B 25 4.59 3.66 13.58
C VAL B 25 4.37 2.27 12.96
N ASP B 26 4.82 1.22 13.64
CA ASP B 26 4.61 -0.14 13.13
CA ASP B 26 4.62 -0.16 13.17
C ASP B 26 3.14 -0.49 13.02
N LEU B 27 2.37 -0.09 14.03
CA LEU B 27 0.95 -0.41 14.05
C LEU B 27 0.20 0.30 12.93
N ARG B 29 1.26 1.43 10.13
CA ARG B 29 1.61 0.89 8.81
C ARG B 29 0.82 -0.37 8.51
N GLN B 30 0.68 -1.23 9.50
CA GLN B 30 -0.14 -2.44 9.31
C GLN B 30 -1.58 -2.04 8.96
N ILE B 31 -2.10 -1.04 9.66
CA ILE B 31 -3.48 -0.59 9.44
C ILE B 31 -3.66 0.01 8.05
N ARG B 33 -1.90 -0.48 5.36
CA ARG B 33 -1.75 -1.48 4.31
C ARG B 33 -2.99 -2.36 4.22
N GLY B 34 -3.95 -2.16 5.12
CA GLY B 34 -5.18 -2.93 5.06
C GLY B 34 -5.08 -4.29 5.70
N GLU B 35 -4.11 -4.49 6.61
CA GLU B 35 -3.88 -5.80 7.18
C GLU B 35 -4.68 -6.07 8.44
N VAL B 36 -5.42 -5.08 8.90
CA VAL B 36 -6.07 -5.19 10.20
C VAL B 36 -7.58 -5.11 9.98
N SER B 37 -8.35 -6.01 10.60
CA SER B 37 -9.80 -6.06 10.35
C SER B 37 -10.48 -4.78 10.86
N ASP B 38 -11.65 -4.47 10.30
CA ASP B 38 -12.46 -3.34 10.79
C ASP B 38 -12.71 -3.43 12.28
N ALA B 39 -13.08 -4.62 12.76
CA ALA B 39 -13.37 -4.78 14.20
C ALA B 39 -12.15 -4.47 15.07
N VAL B 41 -9.50 -2.56 14.19
CA VAL B 41 -9.27 -1.11 14.05
C VAL B 41 -10.21 -0.27 14.91
N SER B 42 -11.52 -0.56 14.90
CA SER B 42 -12.41 0.23 15.74
C SER B 42 -12.13 0.00 17.24
N ALA B 43 -11.72 -1.20 17.62
CA ALA B 43 -11.38 -1.46 19.04
C ALA B 43 -10.20 -0.59 19.43
N ILE B 44 -9.15 -0.64 18.63
CA ILE B 44 -7.97 0.13 18.93
C ILE B 44 -8.24 1.64 18.93
N LEU B 45 -9.01 2.12 17.97
CA LEU B 45 -9.32 3.55 17.91
C LEU B 45 -10.12 4.02 19.10
N THR B 46 -11.01 3.17 19.59
CA THR B 46 -11.81 3.48 20.76
C THR B 46 -10.92 3.49 21.99
N GLY B 47 -10.04 2.50 22.12
CA GLY B 47 -9.13 2.46 23.26
C GLY B 47 -8.30 3.73 23.36
N LEU B 48 -7.77 4.17 22.22
CA LEU B 48 -7.01 5.41 22.14
C LEU B 48 -7.86 6.61 22.54
N ARG B 49 -9.08 6.63 22.03
CA ARG B 49 -9.99 7.73 22.27
C ARG B 49 -10.41 7.81 23.72
N VAL B 50 -10.65 6.67 24.36
CA VAL B 50 -11.04 6.69 25.78
C VAL B 50 -9.87 7.13 26.69
N LYS B 51 -8.72 6.53 26.46
CA LYS B 51 -7.48 6.86 27.18
C LYS B 51 -7.08 8.31 26.92
N LYS B 52 -7.38 8.75 25.70
CA LYS B 52 -6.93 10.02 25.10
C LYS B 52 -5.49 9.88 24.61
N GLU B 53 -5.26 10.36 23.38
CA GLU B 53 -4.01 10.16 22.68
C GLU B 53 -2.88 11.08 23.15
N THR B 54 -1.67 10.55 23.23
CA THR B 54 -0.51 11.34 23.68
C THR B 54 0.19 11.96 22.47
N ILE B 55 1.02 12.98 22.72
CA ILE B 55 1.84 13.59 21.67
C ILE B 55 2.62 12.56 20.85
N GLY B 56 3.26 11.60 21.53
CA GLY B 56 4.02 10.57 20.83
C GLY B 56 3.18 9.64 19.95
N GLU B 57 2.00 9.26 20.44
CA GLU B 57 1.09 8.43 19.65
C GLU B 57 0.62 9.19 18.41
N ILE B 58 0.31 10.48 18.57
CA ILE B 58 -0.18 11.24 17.43
C ILE B 58 0.93 11.48 16.40
N ALA B 59 2.10 11.84 16.90
CA ALA B 59 3.25 12.08 16.05
C ALA B 59 3.61 10.81 15.27
N GLY B 60 3.70 9.67 15.98
CA GLY B 60 3.95 8.40 15.31
C GLY B 60 2.94 8.09 14.22
N ALA B 61 1.66 8.24 14.53
CA ALA B 61 0.63 7.94 13.55
C ALA B 61 0.71 8.88 12.35
N ALA B 62 0.98 10.16 12.61
CA ALA B 62 1.06 11.17 11.55
C ALA B 62 2.23 10.93 10.60
N THR B 63 3.32 10.39 11.14
CA THR B 63 4.50 10.05 10.35
C THR B 63 4.13 8.99 9.29
N VAL B 64 3.33 8.03 9.70
CA VAL B 64 2.83 7.02 8.76
C VAL B 64 1.87 7.60 7.71
N ARG B 66 1.88 10.50 6.48
CA ARG B 66 2.73 11.19 5.52
C ARG B 66 3.33 10.19 4.54
N GLU B 67 3.78 9.04 5.04
CA GLU B 67 4.36 7.99 4.22
C GLU B 67 3.36 7.48 3.20
N PHE B 68 2.08 7.41 3.59
CA PHE B 68 1.07 6.89 2.67
C PHE B 68 0.39 7.96 1.80
N SER B 69 0.83 9.20 1.93
CA SER B 69 0.28 10.30 1.12
C SER B 69 1.13 10.53 -0.13
N ARG B 70 0.56 11.21 -1.12
CA ARG B 70 1.32 11.57 -2.30
C ARG B 70 1.85 12.98 -2.10
N ARG B 71 3.18 13.09 -2.06
CA ARG B 71 3.86 14.34 -1.78
C ARG B 71 3.86 15.24 -3.00
N VAL B 72 4.09 16.53 -2.75
CA VAL B 72 4.19 17.53 -3.78
C VAL B 72 5.58 18.12 -3.71
N GLU B 73 6.31 18.07 -4.81
CA GLU B 73 7.68 18.55 -4.80
C GLU B 73 7.73 20.06 -5.04
N VAL B 74 8.44 20.76 -4.18
CA VAL B 74 8.57 22.20 -4.26
C VAL B 74 10.04 22.54 -4.13
N THR B 75 10.59 23.22 -5.12
CA THR B 75 12.02 23.52 -5.08
C THR B 75 12.34 24.68 -4.14
N ASP B 76 11.58 25.76 -4.22
CA ASP B 76 11.79 26.89 -3.32
C ASP B 76 10.80 26.88 -2.16
N ARG B 77 11.22 26.28 -1.05
CA ARG B 77 10.43 26.18 0.19
C ARG B 77 10.33 27.51 0.95
N ARG B 78 11.03 28.53 0.44
CA ARG B 78 11.06 29.84 1.06
C ARG B 78 9.64 30.41 1.14
N HIS B 79 9.27 30.87 2.33
CA HIS B 79 7.99 31.55 2.55
C HIS B 79 6.76 30.73 2.19
N VAL B 81 3.54 28.38 3.31
CA VAL B 81 2.68 28.11 4.45
C VAL B 81 1.60 27.10 4.07
N ASP B 82 1.43 26.09 4.91
CA ASP B 82 0.40 25.08 4.73
C ASP B 82 -0.77 25.55 5.55
N ILE B 83 -1.88 25.87 4.88
CA ILE B 83 -3.07 26.33 5.58
C ILE B 83 -4.04 25.16 5.67
N VAL B 84 -4.41 24.77 6.87
CA VAL B 84 -5.23 23.58 7.04
C VAL B 84 -6.25 23.83 8.12
N GLY B 85 -7.39 23.14 8.03
CA GLY B 85 -8.48 23.34 8.97
C GLY B 85 -9.21 22.06 9.33
N THR B 86 -10.45 22.20 9.77
CA THR B 86 -11.27 21.05 10.11
C THR B 86 -12.10 20.57 8.91
N HIS B 92 -21.41 26.92 7.63
CA HIS B 92 -22.28 28.03 8.03
C HIS B 92 -21.80 29.37 7.50
N THR B 93 -20.48 29.56 7.47
CA THR B 93 -19.90 30.79 6.93
C THR B 93 -19.23 30.53 5.59
N PHE B 94 -18.91 31.60 4.86
CA PHE B 94 -18.29 31.46 3.54
C PHE B 94 -16.88 30.89 3.63
N ASN B 95 -16.33 30.52 2.46
CA ASN B 95 -15.01 29.90 2.40
C ASN B 95 -13.89 30.87 2.77
N ILE B 96 -13.74 31.11 4.07
CA ILE B 96 -12.77 32.07 4.59
C ILE B 96 -11.32 31.76 4.21
N SER B 97 -10.87 30.54 4.46
CA SER B 97 -9.46 30.25 4.21
C SER B 97 -9.14 30.18 2.72
N THR B 98 -10.11 29.74 1.92
CA THR B 98 -9.94 29.73 0.47
C THR B 98 -9.65 31.15 0.00
N CYS B 99 -10.44 32.10 0.49
CA CYS B 99 -10.26 33.50 0.15
C CYS B 99 -8.89 33.98 0.64
N ALA B 100 -8.57 33.65 1.89
CA ALA B 100 -7.30 34.06 2.49
C ALA B 100 -6.10 33.53 1.70
N PHE B 102 -5.72 33.21 -1.58
CA PHE B 102 -5.36 34.10 -2.68
C PHE B 102 -4.75 35.40 -2.18
N VAL B 103 -5.21 35.86 -1.02
CA VAL B 103 -4.66 37.08 -0.45
C VAL B 103 -3.21 36.87 0.01
N ALA B 104 -2.97 35.78 0.74
CA ALA B 104 -1.63 35.49 1.24
C ALA B 104 -0.65 35.26 0.09
N ALA B 105 -1.14 34.60 -0.97
CA ALA B 105 -0.28 34.34 -2.14
C ALA B 105 0.10 35.64 -2.84
N ALA B 106 -0.86 36.53 -3.06
CA ALA B 106 -0.56 37.82 -3.66
C ALA B 106 0.30 38.66 -2.71
N GLY B 107 0.15 38.41 -1.42
CA GLY B 107 0.94 39.09 -0.41
C GLY B 107 2.40 38.67 -0.30
N GLY B 108 2.78 37.57 -0.95
CA GLY B 108 4.17 37.12 -0.94
C GLY B 108 4.43 35.67 -0.55
N ALA B 109 3.43 34.99 -0.02
CA ALA B 109 3.59 33.59 0.40
C ALA B 109 3.34 32.58 -0.73
N LYS B 110 3.93 31.39 -0.59
CA LYS B 110 3.53 30.23 -1.38
C LYS B 110 2.59 29.44 -0.51
N VAL B 111 1.34 29.30 -0.95
CA VAL B 111 0.32 28.75 -0.07
C VAL B 111 -0.14 27.37 -0.54
N ALA B 112 -0.10 26.39 0.37
CA ALA B 112 -0.65 25.08 0.10
C ALA B 112 -1.88 24.88 0.99
N LYS B 113 -2.96 24.43 0.39
CA LYS B 113 -4.19 24.20 1.15
C LYS B 113 -4.88 22.94 0.67
N HIS B 114 -5.46 22.21 1.61
CA HIS B 114 -6.24 21.02 1.32
C HIS B 114 -7.67 21.41 0.96
N GLY B 115 -8.36 20.51 0.27
CA GLY B 115 -9.75 20.72 -0.04
C GLY B 115 -10.50 19.44 -0.33
N ASN B 116 -11.82 19.51 -0.20
CA ASN B 116 -12.68 18.39 -0.55
C ASN B 116 -14.06 18.94 -0.91
N ARG B 117 -14.93 18.08 -1.42
CA ARG B 117 -16.27 18.50 -1.79
C ARG B 117 -17.29 18.23 -0.67
N SER B 123 -20.91 23.58 -0.70
CA SER B 123 -20.31 24.79 -0.16
C SER B 123 -18.84 24.58 0.23
N GLY B 124 -18.28 23.45 -0.18
CA GLY B 124 -16.89 23.14 0.11
C GLY B 124 -15.91 24.04 -0.62
N SER B 125 -14.68 24.06 -0.12
CA SER B 125 -13.59 24.83 -0.71
C SER B 125 -13.30 24.43 -2.15
N ALA B 126 -13.42 23.13 -2.43
CA ALA B 126 -13.20 22.63 -3.77
C ALA B 126 -14.42 22.97 -4.66
N ASP B 127 -15.59 22.99 -4.05
CA ASP B 127 -16.83 23.33 -4.76
C ASP B 127 -16.83 24.78 -5.25
N ALA B 128 -16.41 25.68 -4.36
CA ALA B 128 -16.35 27.10 -4.68
C ALA B 128 -15.39 27.36 -5.84
N LEU B 129 -14.19 26.78 -5.73
CA LEU B 129 -13.16 26.91 -6.76
C LEU B 129 -13.61 26.37 -8.12
N GLU B 130 -14.27 25.22 -8.12
CA GLU B 130 -14.67 24.66 -9.40
C GLU B 130 -15.88 25.41 -9.98
N ALA B 131 -16.68 26.00 -9.11
CA ALA B 131 -17.79 26.85 -9.55
C ALA B 131 -17.26 28.17 -10.11
N LEU B 132 -16.09 28.58 -9.64
CA LEU B 132 -15.42 29.75 -10.18
C LEU B 132 -14.62 29.41 -11.44
N GLY B 133 -14.62 28.13 -11.80
CA GLY B 133 -14.03 27.70 -13.06
C GLY B 133 -12.77 26.86 -12.95
N ALA B 134 -12.29 26.63 -11.73
CA ALA B 134 -11.06 25.86 -11.54
C ALA B 134 -11.27 24.37 -11.77
N VAL B 135 -10.20 23.71 -12.17
CA VAL B 135 -10.17 22.25 -12.26
C VAL B 135 -9.58 21.74 -10.94
N ILE B 136 -10.33 20.87 -10.27
CA ILE B 136 -10.06 20.51 -8.87
C ILE B 136 -9.11 19.33 -8.73
N GLU B 137 -9.33 18.31 -9.54
CA GLU B 137 -8.63 17.04 -9.44
C GLU B 137 -7.28 17.06 -10.18
N LEU B 138 -6.31 17.76 -9.61
CA LEU B 138 -4.97 17.85 -10.19
C LEU B 138 -4.02 16.80 -9.59
N GLN B 139 -3.19 16.19 -10.42
CA GLN B 139 -2.15 15.26 -9.96
C GLN B 139 -1.05 16.04 -9.25
N PRO B 140 -0.29 15.37 -8.34
CA PRO B 140 0.70 16.08 -7.53
C PRO B 140 1.73 16.86 -8.35
N GLU B 141 2.11 16.35 -9.52
CA GLU B 141 3.04 17.08 -10.38
C GLU B 141 2.42 18.38 -10.85
N GLN B 142 1.10 18.38 -11.03
CA GLN B 142 0.40 19.58 -11.47
C GLN B 142 0.24 20.62 -10.34
N VAL B 143 0.10 20.16 -9.10
CA VAL B 143 0.01 21.06 -7.96
C VAL B 143 1.35 21.76 -7.75
N ALA B 144 2.42 21.00 -7.97
CA ALA B 144 3.78 21.51 -7.85
C ALA B 144 4.02 22.63 -8.86
N ALA B 145 3.55 22.42 -10.08
CA ALA B 145 3.66 23.43 -11.14
C ALA B 145 2.85 24.67 -10.78
N SER B 146 1.65 24.46 -10.26
CA SER B 146 0.77 25.55 -9.85
C SER B 146 1.48 26.44 -8.83
N LEU B 147 2.10 25.80 -7.85
CA LEU B 147 2.85 26.50 -6.81
C LEU B 147 4.02 27.31 -7.36
N ALA B 148 4.71 26.75 -8.35
CA ALA B 148 5.84 27.46 -8.93
C ALA B 148 5.41 28.67 -9.74
N GLN B 149 4.25 28.58 -10.38
CA GLN B 149 3.80 29.60 -11.31
C GLN B 149 2.84 30.65 -10.73
N THR B 150 2.02 30.26 -9.76
CA THR B 150 1.00 31.14 -9.22
C THR B 150 1.14 31.31 -7.72
N GLY B 151 2.03 30.52 -7.13
CA GLY B 151 2.22 30.53 -5.69
C GLY B 151 1.06 29.88 -4.95
N ILE B 152 0.22 29.15 -5.67
CA ILE B 152 -0.96 28.56 -5.05
C ILE B 152 -1.01 27.06 -5.34
N GLY B 153 -1.09 26.27 -4.28
CA GLY B 153 -1.19 24.83 -4.43
C GLY B 153 -2.41 24.29 -3.71
N PHE B 154 -3.46 23.98 -4.46
CA PHE B 154 -4.65 23.43 -3.87
C PHE B 154 -4.65 21.92 -4.00
N TYR B 156 -6.40 18.46 -3.70
CA TYR B 156 -7.67 17.74 -3.58
C TYR B 156 -7.42 16.48 -2.75
N ALA B 157 -8.01 16.45 -1.55
CA ALA B 157 -7.75 15.39 -0.58
C ALA B 157 -7.77 13.95 -1.12
N PRO B 158 -8.78 13.58 -1.92
CA PRO B 158 -8.76 12.20 -2.44
C PRO B 158 -7.53 11.85 -3.31
N VAL B 159 -6.95 12.84 -3.98
CA VAL B 159 -5.78 12.58 -4.81
C VAL B 159 -4.55 12.31 -3.93
N HIS B 160 -4.42 13.09 -2.86
CA HIS B 160 -3.21 13.07 -2.06
C HIS B 160 -3.18 12.06 -0.93
N HIS B 161 -4.37 11.57 -0.54
CA HIS B 161 -4.50 10.61 0.56
C HIS B 161 -5.30 9.37 0.14
N PRO B 162 -4.79 8.63 -0.85
CA PRO B 162 -5.60 7.52 -1.37
C PRO B 162 -5.82 6.38 -0.37
N ALA B 163 -4.90 6.20 0.57
CA ALA B 163 -5.05 5.10 1.52
C ALA B 163 -6.09 5.34 2.61
N LYS B 165 -9.05 5.59 2.12
CA LYS B 165 -10.10 4.69 1.71
C LYS B 165 -10.08 3.39 2.52
N VAL B 166 -8.89 2.99 2.95
CA VAL B 166 -8.74 1.75 3.71
C VAL B 166 -9.51 1.78 5.03
N VAL B 167 -9.56 2.94 5.69
CA VAL B 167 -10.27 3.05 6.96
C VAL B 167 -11.56 3.88 6.91
N ALA B 168 -11.89 4.42 5.73
CA ALA B 168 -13.15 5.18 5.59
C ALA B 168 -14.40 4.42 6.07
N PRO B 169 -14.58 3.15 5.65
CA PRO B 169 -15.80 2.48 6.12
C PRO B 169 -15.91 2.32 7.65
N VAL B 170 -14.83 1.94 8.29
CA VAL B 170 -14.92 1.75 9.73
C VAL B 170 -15.10 3.10 10.47
N ARG B 171 -14.52 4.17 9.97
CA ARG B 171 -14.73 5.50 10.58
C ARG B 171 -16.19 5.91 10.44
N ARG B 172 -16.77 5.64 9.27
CA ARG B 172 -18.16 6.00 9.00
C ARG B 172 -19.10 5.18 9.90
N GLU B 173 -18.77 3.92 10.09
CA GLU B 173 -19.58 3.08 10.96
C GLU B 173 -19.51 3.53 12.44
N GLY B 175 -18.80 6.54 13.65
CA GLY B 175 -19.55 7.79 13.71
C GLY B 175 -18.87 8.80 14.63
N VAL B 176 -18.21 8.32 15.68
CA VAL B 176 -17.56 9.19 16.65
C VAL B 176 -16.19 9.66 16.13
N ARG B 177 -15.66 10.72 16.73
CA ARG B 177 -14.35 11.19 16.31
C ARG B 177 -13.28 10.22 16.83
N THR B 178 -12.19 10.10 16.07
CA THR B 178 -11.08 9.24 16.47
C THR B 178 -9.77 9.95 16.12
N ILE B 179 -8.65 9.28 16.37
CA ILE B 179 -7.35 9.87 16.05
C ILE B 179 -7.26 10.27 14.57
N PHE B 180 -7.98 9.59 13.70
CA PHE B 180 -7.93 9.94 12.28
C PHE B 180 -8.41 11.37 11.97
N ASN B 181 -9.32 11.89 12.79
CA ASN B 181 -9.82 13.25 12.59
C ASN B 181 -8.76 14.33 12.83
N ILE B 182 -7.69 13.99 13.53
CA ILE B 182 -6.63 14.97 13.74
C ILE B 182 -5.34 14.67 12.97
N LEU B 183 -5.31 13.54 12.25
CA LEU B 183 -4.14 13.15 11.48
C LEU B 183 -4.10 13.85 10.13
N GLY B 184 -5.25 13.98 9.47
CA GLY B 184 -5.36 14.66 8.18
C GLY B 184 -4.63 16.00 8.10
N PRO B 185 -4.94 16.92 9.03
CA PRO B 185 -4.27 18.23 9.04
C PRO B 185 -2.74 18.16 9.22
N LEU B 186 -2.21 17.04 9.73
CA LEU B 186 -0.79 16.91 9.96
C LEU B 186 0.04 16.41 8.76
N THR B 187 -0.64 16.00 7.70
CA THR B 187 0.07 15.34 6.61
C THR B 187 1.03 16.24 5.82
N ASN B 188 0.65 17.51 5.62
CA ASN B 188 1.55 18.49 4.99
C ASN B 188 2.24 17.96 3.72
N PRO B 189 1.47 17.52 2.71
CA PRO B 189 2.10 16.82 1.58
C PRO B 189 3.13 17.66 0.80
N ALA B 190 3.04 18.99 0.87
CA ALA B 190 4.03 19.79 0.15
C ALA B 190 5.25 20.09 1.02
N GLY B 191 5.25 19.59 2.25
CA GLY B 191 6.40 19.75 3.13
C GLY B 191 6.72 21.18 3.53
N SER B 192 5.69 21.98 3.79
CA SER B 192 5.93 23.34 4.21
C SER B 192 6.58 23.30 5.58
N PRO B 193 7.58 24.16 5.81
CA PRO B 193 8.22 24.32 7.13
C PRO B 193 7.31 25.04 8.10
N ASN B 194 6.30 25.71 7.56
CA ASN B 194 5.44 26.64 8.29
C ASN B 194 3.98 26.28 8.10
N ILE B 195 3.22 26.23 9.19
CA ILE B 195 1.83 25.77 9.16
C ILE B 195 0.89 26.77 9.83
N LEU B 196 -0.24 27.05 9.20
CA LEU B 196 -1.31 27.76 9.88
C LEU B 196 -2.47 26.78 10.00
N GLY B 198 -6.15 25.65 11.81
CA GLY B 198 -7.32 25.85 12.64
C GLY B 198 -7.78 24.53 13.20
N VAL B 199 -8.19 24.51 14.46
CA VAL B 199 -8.58 23.23 15.05
C VAL B 199 -10.00 23.23 15.58
N PHE B 200 -10.48 22.02 15.86
CA PHE B 200 -11.85 21.68 16.22
C PHE B 200 -12.19 21.93 17.69
N HIS B 201 -11.17 21.88 18.56
CA HIS B 201 -11.39 21.93 20.00
C HIS B 201 -10.21 22.67 20.65
N PRO B 202 -10.45 23.42 21.73
CA PRO B 202 -9.31 24.15 22.30
C PRO B 202 -8.18 23.27 22.83
N ASP B 203 -8.46 22.03 23.20
CA ASP B 203 -7.38 21.16 23.71
C ASP B 203 -6.36 20.88 22.60
N LEU B 204 -6.81 20.92 21.35
CA LEU B 204 -5.96 20.63 20.21
C LEU B 204 -4.96 21.74 19.90
N VAL B 205 -5.19 22.94 20.42
CA VAL B 205 -4.26 24.03 20.21
C VAL B 205 -2.88 23.67 20.76
N GLY B 206 -2.81 23.31 22.04
CA GLY B 206 -1.55 22.94 22.66
C GLY B 206 -1.01 21.60 22.16
N ILE B 207 -1.92 20.66 21.92
CA ILE B 207 -1.51 19.33 21.46
C ILE B 207 -0.90 19.41 20.06
N GLN B 208 -1.61 20.05 19.13
CA GLN B 208 -1.15 20.07 17.73
C GLN B 208 0.12 20.92 17.55
N ALA B 209 0.31 21.95 18.37
CA ALA B 209 1.53 22.75 18.24
C ALA B 209 2.74 21.89 18.57
N ARG B 210 2.60 21.08 19.60
CA ARG B 210 3.69 20.23 20.04
C ARG B 210 3.87 19.01 19.11
N VAL B 211 2.79 18.53 18.51
CA VAL B 211 2.93 17.44 17.51
C VAL B 211 3.70 17.96 16.29
N LEU B 212 3.34 19.14 15.81
CA LEU B 212 4.05 19.77 14.70
C LEU B 212 5.52 19.95 15.02
N GLN B 213 5.81 20.36 16.26
CA GLN B 213 7.20 20.50 16.69
C GLN B 213 7.91 19.16 16.63
N GLU B 214 7.29 18.15 17.20
CA GLU B 214 7.86 16.80 17.19
C GLU B 214 8.03 16.30 15.74
N LEU B 215 7.11 16.67 14.85
CA LEU B 215 7.18 16.25 13.45
C LEU B 215 8.22 17.02 12.65
N GLY B 216 8.80 18.06 13.24
CA GLY B 216 9.88 18.78 12.60
C GLY B 216 9.50 20.08 11.90
N ALA B 217 8.31 20.60 12.18
CA ALA B 217 7.93 21.92 11.66
C ALA B 217 8.91 22.98 12.17
N GLU B 218 9.07 24.06 11.41
CA GLU B 218 9.89 25.17 11.88
C GLU B 218 9.04 26.22 12.59
N ARG B 219 7.87 26.51 12.02
CA ARG B 219 6.96 27.49 12.60
C ARG B 219 5.52 27.02 12.46
N ALA B 220 4.69 27.39 13.41
CA ALA B 220 3.28 27.05 13.30
C ALA B 220 2.45 27.99 14.14
N LEU B 221 1.21 28.19 13.72
CA LEU B 221 0.20 28.88 14.51
C LEU B 221 -0.98 27.93 14.50
N VAL B 222 -1.38 27.46 15.69
CA VAL B 222 -2.54 26.60 15.80
C VAL B 222 -3.60 27.43 16.49
N VAL B 223 -4.77 27.56 15.87
CA VAL B 223 -5.75 28.51 16.36
C VAL B 223 -7.13 27.89 16.57
N TRP B 224 -7.82 28.36 17.60
CA TRP B 224 -9.21 27.98 17.84
C TRP B 224 -9.99 29.21 18.26
N GLY B 225 -10.99 29.59 17.46
CA GLY B 225 -11.82 30.73 17.82
C GLY B 225 -12.79 30.31 18.91
N ARG B 226 -12.91 31.12 19.96
CA ARG B 226 -13.69 30.72 21.12
C ARG B 226 -15.19 30.56 20.84
N ASP B 227 -15.62 30.95 19.64
CA ASP B 227 -16.99 30.74 19.21
C ASP B 227 -17.14 29.42 18.46
N GLY B 228 -16.10 28.59 18.53
CA GLY B 228 -16.11 27.27 17.90
C GLY B 228 -15.67 27.30 16.44
N ASP B 230 -12.66 27.27 13.36
CA ASP B 230 -11.33 26.74 13.09
C ASP B 230 -10.44 27.76 12.37
N GLU B 231 -10.50 29.01 12.81
CA GLU B 231 -9.59 30.03 12.31
C GLU B 231 -9.61 31.21 13.28
N LEU B 232 -8.86 32.27 12.96
CA LEU B 232 -8.87 33.46 13.79
C LEU B 232 -10.24 34.10 13.66
N SER B 233 -10.87 34.39 14.81
CA SER B 233 -12.27 34.75 14.84
C SER B 233 -12.48 36.26 15.00
N LEU B 234 -13.61 36.75 14.48
CA LEU B 234 -14.01 38.14 14.67
C LEU B 234 -15.01 38.26 15.82
N GLY B 235 -15.01 37.28 16.71
CA GLY B 235 -15.89 37.29 17.86
C GLY B 235 -16.07 35.89 18.40
N ALA B 236 -15.31 35.53 19.43
CA ALA B 236 -14.49 36.49 20.16
C ALA B 236 -13.00 36.24 20.05
N GLY B 237 -12.38 35.97 21.20
CA GLY B 237 -10.95 35.75 21.27
C GLY B 237 -10.58 34.48 20.53
N THR B 238 -9.33 34.38 20.10
CA THR B 238 -8.83 33.16 19.52
C THR B 238 -7.67 32.64 20.37
N LEU B 239 -7.75 31.37 20.75
CA LEU B 239 -6.66 30.70 21.43
C LEU B 239 -5.58 30.36 20.41
N VAL B 240 -4.34 30.72 20.72
CA VAL B 240 -3.24 30.52 19.79
C VAL B 240 -2.09 29.71 20.40
N GLY B 241 -1.63 28.72 19.67
CA GLY B 241 -0.43 27.98 20.02
C GLY B 241 0.57 28.24 18.92
N GLU B 242 1.67 28.89 19.29
CA GLU B 242 2.70 29.23 18.31
C GLU B 242 3.98 28.46 18.55
N LEU B 243 4.48 27.83 17.49
CA LEU B 243 5.79 27.24 17.49
C LEU B 243 6.73 28.16 16.71
N ARG B 244 7.81 28.58 17.35
CA ARG B 244 8.83 29.40 16.70
C ARG B 244 10.15 29.24 17.42
N ASP B 245 11.24 29.11 16.64
CA ASP B 245 12.58 28.97 17.22
C ASP B 245 12.66 27.87 18.26
N GLY B 246 12.07 26.71 17.94
CA GLY B 246 12.11 25.54 18.80
C GLY B 246 11.36 25.65 20.11
N GLN B 247 10.46 26.62 20.22
CA GLN B 247 9.67 26.78 21.45
C GLN B 247 8.19 26.96 21.15
N VAL B 248 7.34 26.41 22.01
CA VAL B 248 5.91 26.61 21.90
C VAL B 248 5.42 27.61 22.96
N HIS B 249 4.68 28.62 22.52
CA HIS B 249 4.05 29.58 23.42
C HIS B 249 2.56 29.63 23.13
N GLU B 250 1.76 29.67 24.20
CA GLU B 250 0.32 29.72 24.03
C GLU B 250 -0.18 31.07 24.54
N TYR B 251 -1.07 31.70 23.79
CA TYR B 251 -1.58 33.02 24.17
C TYR B 251 -2.91 33.25 23.47
N GLU B 252 -3.69 34.23 23.94
CA GLU B 252 -4.97 34.52 23.31
C GLU B 252 -4.94 35.88 22.62
N VAL B 253 -5.57 35.96 21.45
CA VAL B 253 -5.69 37.23 20.74
C VAL B 253 -7.15 37.62 20.53
N HIS B 254 -7.38 38.92 20.40
CA HIS B 254 -8.69 39.44 20.05
C HIS B 254 -8.55 40.31 18.82
N PRO B 255 -9.62 40.42 18.01
CA PRO B 255 -9.56 41.27 16.80
C PRO B 255 -9.17 42.70 17.18
N GLU B 256 -9.59 43.14 18.36
CA GLU B 256 -9.28 44.47 18.87
C GLU B 256 -7.77 44.71 18.92
N ASP B 257 -7.01 43.63 19.10
CA ASP B 257 -5.55 43.72 19.21
C ASP B 257 -4.94 44.23 17.91
N PHE B 258 -5.61 43.97 16.80
CA PHE B 258 -5.11 44.37 15.49
C PHE B 258 -5.97 45.48 14.92
N GLY B 259 -6.76 46.11 15.79
CA GLY B 259 -7.56 47.26 15.40
C GLY B 259 -8.78 46.90 14.57
N ILE B 260 -9.23 45.65 14.69
CA ILE B 260 -10.44 45.20 14.01
C ILE B 260 -11.55 45.00 15.04
N ALA B 261 -12.76 45.42 14.69
CA ALA B 261 -13.90 45.30 15.61
C ALA B 261 -14.51 43.92 15.51
N SER B 263 -17.21 41.57 14.88
CA SER B 263 -18.51 41.41 14.23
C SER B 263 -19.16 40.12 14.71
N ALA B 264 -20.43 40.23 15.11
CA ALA B 264 -21.22 39.07 15.50
C ALA B 264 -21.27 38.08 14.34
N SER B 265 -21.19 36.79 14.65
CA SER B 265 -21.06 35.74 13.64
C SER B 265 -22.18 35.72 12.59
N ARG B 266 -23.30 36.37 12.88
CA ARG B 266 -24.44 36.36 11.97
C ARG B 266 -24.19 37.18 10.71
N ASN B 267 -23.11 37.96 10.71
CA ASN B 267 -22.74 38.75 9.54
C ASN B 267 -21.96 37.91 8.54
N LEU B 268 -21.27 36.89 9.04
CA LEU B 268 -20.47 36.02 8.19
C LEU B 268 -21.25 34.81 7.72
N LYS B 269 -22.54 34.76 8.04
CA LYS B 269 -23.38 33.63 7.65
C LYS B 269 -23.94 33.80 6.23
N VAL B 270 -23.92 32.70 5.48
CA VAL B 270 -24.48 32.67 4.13
C VAL B 270 -25.52 31.55 4.04
N ALA B 271 -26.53 31.75 3.19
CA ALA B 271 -27.65 30.83 3.11
C ALA B 271 -27.43 29.69 2.12
N ASP B 272 -26.58 29.91 1.11
CA ASP B 272 -26.30 28.86 0.12
C ASP B 272 -24.95 29.03 -0.58
N ALA B 273 -24.65 28.15 -1.52
CA ALA B 273 -23.36 28.14 -2.19
C ALA B 273 -23.09 29.44 -2.94
N ALA B 274 -24.13 29.94 -3.62
CA ALA B 274 -24.04 31.17 -4.41
C ALA B 274 -23.60 32.39 -3.60
N GLU B 275 -24.28 32.68 -2.49
CA GLU B 275 -23.91 33.83 -1.69
C GLU B 275 -22.58 33.66 -0.96
N SER B 276 -22.17 32.40 -0.75
CA SER B 276 -20.83 32.13 -0.24
C SER B 276 -19.80 32.61 -1.25
N ARG B 277 -20.03 32.27 -2.52
CA ARG B 277 -19.16 32.73 -3.61
C ARG B 277 -19.24 34.24 -3.76
N ALA B 278 -20.47 34.79 -3.71
CA ALA B 278 -20.67 36.23 -3.73
C ALA B 278 -19.83 36.92 -2.64
N LEU B 280 -17.11 35.75 -1.11
CA LEU B 280 -15.70 35.60 -1.42
C LEU B 280 -15.28 36.60 -2.51
N LEU B 281 -16.09 36.69 -3.57
CA LEU B 281 -15.80 37.60 -4.67
C LEU B 281 -15.84 39.07 -4.24
N GLN B 282 -16.76 39.41 -3.36
CA GLN B 282 -16.84 40.77 -2.83
C GLN B 282 -15.60 41.13 -1.99
N VAL B 283 -15.03 40.16 -1.28
CA VAL B 283 -13.81 40.41 -0.52
C VAL B 283 -12.66 40.75 -1.47
N LEU B 284 -12.52 39.93 -2.52
CA LEU B 284 -11.45 40.14 -3.49
C LEU B 284 -11.67 41.43 -4.25
N ASP B 285 -12.92 41.87 -4.34
CA ASP B 285 -13.25 43.16 -4.93
C ASP B 285 -13.07 44.30 -3.93
N ASN B 286 -12.44 44.00 -2.79
CA ASN B 286 -12.14 45.01 -1.76
C ASN B 286 -13.38 45.70 -1.18
N VAL B 287 -14.50 45.00 -1.10
CA VAL B 287 -15.68 45.55 -0.45
C VAL B 287 -15.48 45.50 1.07
N PRO B 288 -15.46 46.68 1.72
CA PRO B 288 -15.26 46.75 3.17
C PRO B 288 -16.39 46.06 3.92
N GLY B 289 -16.06 45.43 5.05
CA GLY B 289 -17.02 44.71 5.85
C GLY B 289 -16.36 43.63 6.68
N PRO B 290 -17.14 42.94 7.53
CA PRO B 290 -16.64 41.82 8.33
C PRO B 290 -15.98 40.72 7.51
N ALA B 291 -16.57 40.36 6.37
CA ALA B 291 -16.00 39.33 5.51
C ALA B 291 -14.56 39.67 5.13
N LEU B 292 -14.35 40.92 4.70
CA LEU B 292 -13.00 41.36 4.33
C LEU B 292 -12.07 41.37 5.55
N ASP B 293 -12.59 41.77 6.71
CA ASP B 293 -11.76 41.88 7.91
C ASP B 293 -11.26 40.53 8.38
N ILE B 294 -12.14 39.52 8.39
CA ILE B 294 -11.73 38.19 8.84
C ILE B 294 -10.76 37.53 7.85
N VAL B 295 -10.93 37.82 6.56
CA VAL B 295 -10.00 37.32 5.56
C VAL B 295 -8.62 38.01 5.71
N ALA B 296 -8.62 39.32 5.90
CA ALA B 296 -7.39 40.07 6.12
C ALA B 296 -6.65 39.53 7.37
N LEU B 297 -7.40 39.32 8.44
CA LEU B 297 -6.85 38.79 9.69
C LEU B 297 -6.20 37.41 9.49
N ASN B 298 -6.91 36.51 8.81
CA ASN B 298 -6.37 35.17 8.59
C ASN B 298 -5.21 35.13 7.60
N ALA B 299 -5.32 35.90 6.53
CA ALA B 299 -4.24 36.04 5.58
C ALA B 299 -3.01 36.68 6.22
N GLY B 300 -3.24 37.65 7.11
CA GLY B 300 -2.15 38.32 7.79
C GLY B 300 -1.40 37.34 8.66
N ALA B 301 -2.14 36.47 9.33
CA ALA B 301 -1.54 35.41 10.15
C ALA B 301 -0.72 34.45 9.28
N ALA B 302 -1.26 34.11 8.11
CA ALA B 302 -0.57 33.24 7.17
C ALA B 302 0.73 33.90 6.71
N LEU B 303 0.67 35.20 6.47
CA LEU B 303 1.84 35.95 6.02
C LEU B 303 2.91 36.04 7.11
N TYR B 304 2.46 36.15 8.35
CA TYR B 304 3.40 36.16 9.48
C TYR B 304 4.11 34.82 9.62
N VAL B 305 3.35 33.73 9.65
CA VAL B 305 3.95 32.44 9.93
C VAL B 305 4.83 31.96 8.75
N ALA B 306 4.53 32.48 7.56
CA ALA B 306 5.36 32.19 6.38
C ALA B 306 6.66 33.02 6.35
N GLY B 307 6.80 33.94 7.30
CA GLY B 307 8.00 34.75 7.36
C GLY B 307 8.00 35.93 6.39
N VAL B 308 6.87 36.20 5.76
CA VAL B 308 6.74 37.35 4.86
C VAL B 308 6.60 38.64 5.67
N ALA B 309 5.82 38.57 6.73
CA ALA B 309 5.62 39.72 7.60
C ALA B 309 6.20 39.46 8.99
N ASP B 310 6.76 40.50 9.60
CA ASP B 310 7.39 40.40 10.92
C ASP B 310 6.39 40.19 12.06
N SER B 311 5.13 40.57 11.82
CA SER B 311 4.08 40.40 12.81
C SER B 311 2.74 40.14 12.14
N ILE B 312 1.76 39.70 12.93
CA ILE B 312 0.40 39.56 12.41
C ILE B 312 -0.16 40.89 11.94
N ALA B 313 0.18 41.96 12.67
CA ALA B 313 -0.22 43.30 12.29
C ALA B 313 0.33 43.70 10.91
N ASP B 314 1.61 43.42 10.66
CA ASP B 314 2.20 43.77 9.37
C ASP B 314 1.60 42.89 8.27
N GLY B 315 1.30 41.63 8.60
CA GLY B 315 0.62 40.74 7.68
C GLY B 315 -0.72 41.28 7.24
N ILE B 316 -1.49 41.81 8.19
CA ILE B 316 -2.79 42.42 7.89
C ILE B 316 -2.67 43.63 6.96
N VAL B 317 -1.70 44.50 7.21
CA VAL B 317 -1.42 45.62 6.32
C VAL B 317 -1.13 45.15 4.89
N ARG B 318 -0.25 44.17 4.75
CA ARG B 318 0.07 43.60 3.44
C ARG B 318 -1.17 42.99 2.79
N ALA B 319 -1.98 42.30 3.57
CA ALA B 319 -3.21 41.72 3.07
C ALA B 319 -4.19 42.78 2.53
N ARG B 320 -4.40 43.84 3.30
CA ARG B 320 -5.28 44.92 2.87
C ARG B 320 -4.75 45.60 1.60
N GLN B 321 -3.42 45.69 1.52
CA GLN B 321 -2.76 46.27 0.37
C GLN B 321 -3.05 45.49 -0.92
N VAL B 322 -2.92 44.16 -0.88
CA VAL B 322 -3.15 43.35 -2.08
C VAL B 322 -4.64 43.16 -2.39
N LEU B 323 -5.50 43.32 -1.40
CA LEU B 323 -6.93 43.33 -1.65
C LEU B 323 -7.27 44.62 -2.39
N ALA B 324 -6.70 45.72 -1.92
CA ALA B 324 -7.01 47.04 -2.45
C ALA B 324 -6.46 47.26 -3.86
N ASP B 325 -5.30 46.69 -4.15
CA ASP B 325 -4.70 46.91 -5.47
C ASP B 325 -5.18 45.94 -6.57
N GLY B 326 -6.02 44.98 -6.22
CA GLY B 326 -6.57 44.03 -7.18
C GLY B 326 -5.74 42.76 -7.41
N SER B 327 -4.55 42.68 -6.82
CA SER B 327 -3.65 41.58 -7.10
C SER B 327 -4.15 40.23 -6.57
N ALA B 328 -4.79 40.25 -5.39
CA ALA B 328 -5.42 39.04 -4.88
C ALA B 328 -6.48 38.51 -5.85
N ARG B 329 -7.31 39.41 -6.35
CA ARG B 329 -8.34 39.05 -7.33
C ARG B 329 -7.69 38.52 -8.59
N ALA B 330 -6.59 39.18 -8.99
CA ALA B 330 -5.84 38.74 -10.16
C ALA B 330 -5.27 37.34 -9.98
N CYS B 331 -4.80 37.05 -8.77
CA CYS B 331 -4.20 35.75 -8.50
C CYS B 331 -5.23 34.64 -8.56
N LEU B 332 -6.47 34.95 -8.19
CA LEU B 332 -7.57 34.01 -8.39
C LEU B 332 -7.75 33.69 -9.87
N ASP B 333 -7.77 34.73 -10.72
CA ASP B 333 -7.95 34.53 -12.16
C ASP B 333 -6.78 33.76 -12.74
N ALA B 334 -5.58 34.07 -12.29
CA ALA B 334 -4.39 33.37 -12.73
C ALA B 334 -4.43 31.90 -12.33
N TYR B 335 -4.87 31.62 -11.12
CA TYR B 335 -4.94 30.23 -10.64
C TYR B 335 -5.95 29.42 -11.46
N VAL B 336 -7.16 29.97 -11.60
CA VAL B 336 -8.20 29.34 -12.42
C VAL B 336 -7.67 29.03 -13.83
N ALA B 337 -7.02 30.02 -14.44
CA ALA B 337 -6.47 29.85 -15.78
C ALA B 337 -5.41 28.75 -15.82
N PHE B 338 -4.52 28.71 -14.84
CA PHE B 338 -3.50 27.67 -14.80
C PHE B 338 -4.09 26.27 -14.80
N THR B 339 -5.06 26.03 -13.92
CA THR B 339 -5.65 24.70 -13.76
C THR B 339 -6.34 24.22 -15.02
N GLN B 340 -6.81 25.17 -15.82
CA GLN B 340 -7.41 24.89 -17.12
C GLN B 340 -6.35 24.55 -18.17
N GLN B 341 -5.24 25.29 -18.16
CA GLN B 341 -4.14 25.04 -19.06
C GLN B 341 -3.48 23.68 -18.76
N ALA B 342 -3.42 23.33 -17.50
CA ALA B 342 -2.72 22.13 -17.06
C ALA B 342 -3.51 20.89 -17.43
N THR B 343 -4.80 21.08 -17.60
CA THR B 343 -5.69 19.97 -17.87
C THR B 343 -6.43 20.20 -19.19
#